data_4PHG
#
_entry.id   4PHG
#
_cell.length_a   32.970
_cell.length_b   53.160
_cell.length_c   46.910
_cell.angle_alpha   90.00
_cell.angle_beta   106.35
_cell.angle_gamma   90.00
#
_symmetry.space_group_name_H-M   'P 1 21 1'
#
loop_
_entity.id
_entity.type
_entity.pdbx_description
1 polymer 'GTP-binding protein YPT7'
2 non-polymer 'MAGNESIUM ION'
3 non-polymer "N-[3-(propanoylamino)propyl]guanosine 5'-(tetrahydrogen triphosphate)"
4 non-polymer 'YTTRIUM (III) ION'
5 water water
#
_entity_poly.entity_id   1
_entity_poly.type   'polypeptide(L)'
_entity_poly.pdbx_seq_one_letter_code
;GHMSSRKKNILKVIILGDSGVGKTSLMHRYVNDKYSCQYIATIGADFLTKEVTVDGDKVATMQVWDTAGLERFQSLGVAF
YRGADCCVLVYDVTNASSFENIKSWRDEFLVHANVNSPETFPFVILGNKIDAEESKKIVSEKSAQELAKSLGDIPLFLTS
AKNAINVDTAFEEIARSALQQNQA
;
_entity_poly.pdbx_strand_id   A
#
loop_
_chem_comp.id
_chem_comp.type
_chem_comp.name
_chem_comp.formula
2UJ non-polymer 'N-[3-(propanoylamino)propyl]guanosine 5'-(tetrahydrogen triphosphate)' 'C16 H27 N6 O15 P3'
MG non-polymer 'MAGNESIUM ION' 'Mg 2'
YT3 non-polymer 'YTTRIUM (III) ION' 'Y 3'
#
# COMPACT_ATOMS: atom_id res chain seq x y z
N LYS A 8 -21.43 -1.92 11.27
CA LYS A 8 -20.82 -3.01 10.46
C LYS A 8 -19.73 -2.46 9.52
N ASN A 9 -18.62 -1.98 10.11
CA ASN A 9 -17.53 -1.23 9.42
C ASN A 9 -16.78 -1.99 8.31
N ILE A 10 -17.05 -1.66 7.05
CA ILE A 10 -16.25 -2.16 5.90
C ILE A 10 -15.36 -1.05 5.39
N LEU A 11 -14.07 -1.29 5.41
CA LEU A 11 -12.99 -0.38 5.02
C LEU A 11 -12.37 -0.78 3.71
N LYS A 12 -12.34 0.10 2.70
CA LYS A 12 -11.73 -0.28 1.43
C LYS A 12 -10.33 0.29 1.39
N VAL A 13 -9.34 -0.57 1.18
CA VAL A 13 -7.95 -0.12 1.14
C VAL A 13 -7.46 -0.52 -0.24
N ILE A 14 -6.76 0.37 -0.93
CA ILE A 14 -6.18 -0.01 -2.23
C ILE A 14 -4.68 0.15 -2.13
N ILE A 15 -4.01 -0.70 -2.88
CA ILE A 15 -2.56 -0.71 -2.86
C ILE A 15 -2.14 -0.26 -4.31
N LEU A 16 -1.29 0.77 -4.37
CA LEU A 16 -0.73 1.28 -5.64
C LEU A 16 0.79 1.17 -5.62
N GLY A 17 1.39 1.16 -6.81
CA GLY A 17 2.79 1.18 -6.94
C GLY A 17 3.23 0.45 -8.21
N ASP A 18 4.43 0.67 -8.61
CA ASP A 18 4.90 0.13 -9.91
C ASP A 18 4.85 -1.42 -9.94
N SER A 19 4.75 -1.96 -11.16
CA SER A 19 4.94 -3.41 -11.38
C SER A 19 6.22 -3.97 -10.74
N GLY A 20 6.06 -5.04 -9.97
CA GLY A 20 7.21 -5.74 -9.39
C GLY A 20 7.61 -5.34 -7.97
N VAL A 21 7.00 -4.28 -7.41
CA VAL A 21 7.47 -3.77 -6.12
C VAL A 21 7.13 -4.68 -4.91
N GLY A 22 6.09 -5.50 -5.06
CA GLY A 22 5.62 -6.43 -4.04
C GLY A 22 4.26 -6.20 -3.50
N LYS A 23 3.38 -5.53 -4.26
CA LYS A 23 2.03 -5.25 -3.79
C LYS A 23 1.22 -6.52 -3.46
N THR A 24 1.18 -7.45 -4.41
CA THR A 24 0.45 -8.74 -4.22
C THR A 24 1.11 -9.55 -3.09
N SER A 25 2.46 -9.52 -3.03
CA SER A 25 3.18 -10.24 -1.99
C SER A 25 2.84 -9.66 -0.61
N LEU A 26 2.72 -8.31 -0.47
CA LEU A 26 2.45 -7.75 0.83
C LEU A 26 1.02 -8.08 1.25
N MET A 27 0.08 -8.02 0.32
CA MET A 27 -1.31 -8.44 0.62
C MET A 27 -1.37 -9.88 1.02
N HIS A 28 -0.68 -10.77 0.27
CA HIS A 28 -0.69 -12.22 0.60
C HIS A 28 -0.06 -12.48 1.95
N ARG A 29 1.06 -11.83 2.22
CA ARG A 29 1.65 -11.94 3.54
C ARG A 29 0.71 -11.50 4.62
N TYR A 30 0.13 -10.30 4.50
CA TYR A 30 -0.77 -9.83 5.54
C TYR A 30 -2.01 -10.76 5.77
N VAL A 31 -2.71 -11.08 4.71
CA VAL A 31 -3.99 -11.77 4.82
C VAL A 31 -3.89 -13.29 5.13
N ASN A 32 -2.97 -13.97 4.45
CA ASN A 32 -2.85 -15.44 4.34
CA ASN A 32 -2.90 -15.43 4.62
C ASN A 32 -1.48 -15.95 4.81
N ASP A 33 -0.58 -15.07 5.16
CA ASP A 33 0.80 -15.46 5.48
C ASP A 33 1.48 -16.28 4.42
N LYS A 34 1.18 -16.02 3.17
CA LYS A 34 1.89 -16.76 2.17
C LYS A 34 2.80 -15.82 1.41
N TYR A 35 3.86 -16.40 0.87
CA TYR A 35 4.84 -15.68 0.08
C TYR A 35 5.40 -16.72 -0.92
N SER A 36 5.63 -16.32 -2.16
CA SER A 36 6.34 -17.10 -3.16
C SER A 36 7.40 -16.20 -3.78
N CYS A 37 8.59 -16.79 -3.97
CA CYS A 37 9.70 -16.21 -4.71
C CYS A 37 9.40 -15.94 -6.17
N GLN A 38 8.48 -16.73 -6.72
CA GLN A 38 8.02 -16.65 -8.07
C GLN A 38 7.18 -15.40 -8.25
N TYR A 39 7.28 -14.81 -9.43
CA TYR A 39 6.56 -13.62 -9.78
C TYR A 39 5.45 -14.02 -10.70
N ILE A 40 4.21 -13.71 -10.32
CA ILE A 40 3.05 -13.79 -11.22
C ILE A 40 2.38 -12.40 -11.25
N ALA A 41 2.52 -11.71 -12.40
CA ALA A 41 1.96 -10.39 -12.61
C ALA A 41 0.46 -10.45 -12.40
N THR A 42 -0.07 -9.40 -11.78
CA THR A 42 -1.46 -9.40 -11.43
C THR A 42 -2.23 -9.01 -12.70
N ILE A 43 -3.25 -9.81 -13.00
CA ILE A 43 -4.17 -9.58 -14.13
C ILE A 43 -5.49 -9.31 -13.48
N GLY A 44 -6.18 -8.23 -13.89
CA GLY A 44 -7.47 -7.88 -13.27
C GLY A 44 -7.26 -7.08 -11.99
N ALA A 45 -8.34 -6.96 -11.22
CA ALA A 45 -8.39 -6.30 -9.91
C ALA A 45 -9.35 -7.11 -9.09
N ASP A 46 -9.02 -7.26 -7.83
CA ASP A 46 -9.77 -8.04 -6.90
C ASP A 46 -9.27 -7.70 -5.50
N PHE A 47 -9.99 -8.23 -4.51
CA PHE A 47 -9.69 -7.91 -3.11
C PHE A 47 -9.62 -9.14 -2.24
N LEU A 48 -8.77 -9.09 -1.24
CA LEU A 48 -8.92 -10.00 -0.14
C LEU A 48 -9.51 -9.31 1.10
N THR A 49 -9.95 -10.13 2.04
CA THR A 49 -10.64 -9.71 3.24
C THR A 49 -9.83 -10.04 4.52
N LYS A 50 -9.76 -9.06 5.42
CA LYS A 50 -9.07 -9.23 6.71
C LYS A 50 -9.90 -8.62 7.81
N GLU A 51 -10.32 -9.41 8.77
CA GLU A 51 -10.98 -8.85 9.95
C GLU A 51 -9.93 -8.21 10.83
N VAL A 52 -10.23 -7.00 11.27
CA VAL A 52 -9.30 -6.16 12.00
C VAL A 52 -10.01 -5.49 13.22
N THR A 53 -9.28 -5.29 14.31
CA THR A 53 -9.74 -4.39 15.32
C THR A 53 -8.66 -3.36 15.61
N VAL A 54 -9.10 -2.11 15.75
CA VAL A 54 -8.29 -0.93 16.02
C VAL A 54 -8.60 -0.49 17.47
N ASP A 55 -7.55 -0.17 18.24
CA ASP A 55 -7.66 0.27 19.65
C ASP A 55 -8.29 -0.76 20.57
N GLY A 56 -8.32 -2.03 20.17
CA GLY A 56 -9.04 -3.07 20.93
C GLY A 56 -10.56 -3.13 20.84
N ASP A 57 -11.23 -2.00 20.66
CA ASP A 57 -12.67 -1.92 20.81
C ASP A 57 -13.41 -1.58 19.50
N LYS A 58 -12.67 -1.33 18.42
CA LYS A 58 -13.27 -0.89 17.15
C LYS A 58 -13.10 -1.96 16.09
N VAL A 59 -14.18 -2.70 15.89
CA VAL A 59 -14.23 -3.84 15.01
C VAL A 59 -14.54 -3.45 13.52
N ALA A 60 -13.76 -3.98 12.59
CA ALA A 60 -13.91 -3.63 11.18
C ALA A 60 -13.52 -4.84 10.30
N THR A 61 -13.95 -4.79 9.05
CA THR A 61 -13.55 -5.73 8.00
C THR A 61 -12.84 -4.91 6.94
N MET A 62 -11.62 -5.29 6.61
CA MET A 62 -10.81 -4.48 5.70
C MET A 62 -10.81 -5.19 4.37
N GLN A 63 -11.24 -4.52 3.32
CA GLN A 63 -11.19 -5.11 1.98
C GLN A 63 -9.93 -4.56 1.30
N VAL A 64 -8.98 -5.42 1.04
CA VAL A 64 -7.71 -4.99 0.49
C VAL A 64 -7.63 -5.29 -1.03
N TRP A 65 -7.50 -4.24 -1.82
CA TRP A 65 -7.58 -4.31 -3.27
C TRP A 65 -6.25 -4.20 -3.93
N ASP A 66 -6.08 -5.03 -4.94
CA ASP A 66 -4.82 -5.23 -5.64
C ASP A 66 -5.10 -5.38 -7.16
N THR A 67 -4.39 -4.63 -7.99
CA THR A 67 -4.43 -4.80 -9.40
C THR A 67 -3.00 -4.63 -10.01
N ALA A 68 -2.91 -4.63 -11.32
CA ALA A 68 -1.64 -4.52 -11.96
C ALA A 68 -0.95 -3.17 -11.67
N GLY A 69 0.37 -3.21 -11.46
CA GLY A 69 1.19 -2.02 -11.18
C GLY A 69 1.26 -0.98 -12.26
N LEU A 70 1.57 -1.39 -13.48
CA LEU A 70 1.68 -0.40 -14.55
C LEU A 70 0.28 -0.05 -15.05
N GLU A 71 0.07 1.27 -15.17
CA GLU A 71 -1.20 1.85 -15.57
C GLU A 71 -1.86 1.21 -16.79
N ARG A 72 -1.07 1.00 -17.87
CA ARG A 72 -1.49 0.34 -19.16
C ARG A 72 -2.13 -1.07 -19.03
N PHE A 73 -1.84 -1.78 -17.93
CA PHE A 73 -2.41 -3.10 -17.60
C PHE A 73 -3.43 -3.06 -16.40
N GLN A 74 -3.77 -1.85 -15.94
CA GLN A 74 -4.83 -1.64 -14.94
C GLN A 74 -6.26 -1.79 -15.47
N SER A 75 -6.70 -3.04 -15.56
CA SER A 75 -7.93 -3.40 -16.28
C SER A 75 -9.24 -2.71 -15.81
N LEU A 76 -9.46 -2.57 -14.50
CA LEU A 76 -10.70 -1.96 -13.93
C LEU A 76 -10.81 -0.40 -14.10
N GLY A 77 -9.68 0.29 -14.36
CA GLY A 77 -9.59 1.77 -14.38
C GLY A 77 -10.05 2.54 -13.12
N VAL A 78 -10.78 3.64 -13.35
CA VAL A 78 -11.26 4.50 -12.27
C VAL A 78 -11.96 3.72 -11.17
N ALA A 79 -12.72 2.68 -11.55
CA ALA A 79 -13.49 1.94 -10.52
C ALA A 79 -12.57 1.32 -9.39
N PHE A 80 -11.30 1.05 -9.70
CA PHE A 80 -10.34 0.59 -8.66
C PHE A 80 -10.27 1.53 -7.47
N TYR A 81 -10.27 2.83 -7.78
CA TYR A 81 -9.91 3.93 -6.86
C TYR A 81 -11.09 4.36 -6.04
N ARG A 82 -12.30 4.21 -6.60
CA ARG A 82 -13.52 4.74 -6.05
C ARG A 82 -13.88 4.17 -4.67
N GLY A 83 -14.24 5.05 -3.72
CA GLY A 83 -14.70 4.68 -2.40
C GLY A 83 -13.62 4.22 -1.40
N ALA A 84 -12.36 4.35 -1.80
CA ALA A 84 -11.28 3.97 -0.86
C ALA A 84 -11.26 4.85 0.42
N ASP A 85 -10.95 4.21 1.53
CA ASP A 85 -10.76 4.85 2.86
C ASP A 85 -9.25 5.08 3.22
N CYS A 86 -8.39 4.36 2.55
CA CYS A 86 -6.94 4.58 2.68
C CYS A 86 -6.28 4.05 1.41
N CYS A 87 -5.26 4.75 0.99
CA CYS A 87 -4.43 4.35 -0.20
C CYS A 87 -3.02 4.00 0.26
N VAL A 88 -2.58 2.80 -0.07
CA VAL A 88 -1.25 2.33 0.30
C VAL A 88 -0.32 2.56 -0.92
N LEU A 89 0.82 3.19 -0.69
CA LEU A 89 1.73 3.48 -1.83
C LEU A 89 3.02 2.72 -1.64
N VAL A 90 3.37 1.83 -2.58
CA VAL A 90 4.44 0.84 -2.33
C VAL A 90 5.58 1.11 -3.30
N TYR A 91 6.81 1.15 -2.79
CA TYR A 91 7.98 1.13 -3.66
C TYR A 91 8.90 -0.02 -3.26
N ASP A 92 9.91 -0.24 -4.06
CA ASP A 92 10.88 -1.28 -3.81
C ASP A 92 12.20 -0.61 -3.59
N VAL A 93 12.83 -0.87 -2.43
CA VAL A 93 14.00 -0.17 -2.00
C VAL A 93 15.20 -0.46 -2.96
N THR A 94 15.08 -1.50 -3.79
CA THR A 94 16.09 -1.81 -4.80
C THR A 94 15.79 -1.18 -6.19
N ASN A 95 14.73 -0.37 -6.29
CA ASN A 95 14.35 0.20 -7.59
C ASN A 95 14.06 1.72 -7.47
N ALA A 96 15.01 2.55 -7.92
CA ALA A 96 14.94 4.01 -7.72
C ALA A 96 13.65 4.52 -8.43
N SER A 97 13.31 3.96 -9.56
CA SER A 97 12.22 4.47 -10.34
C SER A 97 10.90 4.37 -9.59
N SER A 98 10.74 3.24 -8.92
CA SER A 98 9.52 2.94 -8.15
C SER A 98 9.31 3.99 -7.02
N PHE A 99 10.39 4.30 -6.36
CA PHE A 99 10.40 5.32 -5.31
C PHE A 99 10.07 6.73 -5.86
N GLU A 100 10.67 7.07 -6.99
CA GLU A 100 10.38 8.35 -7.66
C GLU A 100 8.95 8.46 -8.18
N ASN A 101 8.20 7.35 -8.19
CA ASN A 101 6.84 7.34 -8.71
C ASN A 101 5.78 7.39 -7.61
N ILE A 102 6.23 7.43 -6.35
CA ILE A 102 5.33 7.40 -5.22
C ILE A 102 4.45 8.68 -5.31
N LYS A 103 5.04 9.84 -5.62
CA LYS A 103 4.18 11.05 -5.71
C LYS A 103 3.13 10.92 -6.87
N SER A 104 3.56 10.34 -7.99
CA SER A 104 2.70 10.05 -9.15
C SER A 104 1.46 9.26 -8.74
N TRP A 105 1.69 8.20 -8.01
CA TRP A 105 0.61 7.34 -7.50
C TRP A 105 -0.32 8.05 -6.52
N ARG A 106 0.25 8.82 -5.62
CA ARG A 106 -0.55 9.66 -4.71
C ARG A 106 -1.46 10.61 -5.51
N ASP A 107 -0.87 11.27 -6.49
CA ASP A 107 -1.62 12.16 -7.43
C ASP A 107 -2.69 11.47 -8.28
N GLU A 108 -2.37 10.30 -8.82
CA GLU A 108 -3.29 9.46 -9.53
C GLU A 108 -4.53 9.20 -8.70
N PHE A 109 -4.31 8.81 -7.45
CA PHE A 109 -5.39 8.52 -6.53
C PHE A 109 -6.28 9.74 -6.27
N LEU A 110 -5.68 10.89 -5.94
CA LEU A 110 -6.44 12.06 -5.57
C LEU A 110 -7.32 12.53 -6.73
N VAL A 111 -6.82 12.43 -7.96
CA VAL A 111 -7.65 12.82 -9.11
C VAL A 111 -8.80 11.83 -9.33
N HIS A 112 -8.54 10.52 -9.25
CA HIS A 112 -9.55 9.49 -9.60
C HIS A 112 -10.54 9.22 -8.52
N ALA A 113 -10.09 9.34 -7.27
CA ALA A 113 -10.94 9.14 -6.07
C ALA A 113 -11.65 10.44 -5.68
N ASN A 114 -11.31 11.55 -6.32
CA ASN A 114 -11.99 12.83 -6.11
C ASN A 114 -12.29 13.02 -4.62
N VAL A 115 -11.22 13.00 -3.84
CA VAL A 115 -11.34 13.13 -2.39
C VAL A 115 -11.55 14.60 -1.98
N ASN A 116 -12.41 14.80 -0.99
CA ASN A 116 -12.82 16.15 -0.59
C ASN A 116 -11.82 16.87 0.31
N SER A 117 -10.81 16.17 0.83
CA SER A 117 -9.83 16.81 1.73
C SER A 117 -8.44 16.20 1.57
N PRO A 118 -7.77 16.51 0.43
CA PRO A 118 -6.58 15.80 0.05
C PRO A 118 -5.49 15.87 1.10
N GLU A 119 -5.40 16.99 1.82
CA GLU A 119 -4.38 17.17 2.84
C GLU A 119 -4.63 16.33 4.03
N THR A 120 -5.84 15.80 4.20
CA THR A 120 -6.02 14.93 5.37
C THR A 120 -6.40 13.49 4.99
N PHE A 121 -6.46 13.17 3.69
CA PHE A 121 -6.79 11.79 3.31
C PHE A 121 -5.58 10.89 3.58
N PRO A 122 -5.84 9.69 4.17
CA PRO A 122 -4.82 8.80 4.66
C PRO A 122 -4.08 8.05 3.57
N PHE A 123 -2.79 8.34 3.46
CA PHE A 123 -1.84 7.50 2.68
C PHE A 123 -0.88 6.83 3.60
N VAL A 124 -0.39 5.66 3.20
CA VAL A 124 0.72 5.01 3.95
C VAL A 124 1.70 4.60 2.85
N ILE A 125 2.94 4.95 3.07
CA ILE A 125 4.04 4.49 2.23
C ILE A 125 4.76 3.23 2.78
N LEU A 126 4.88 2.22 1.92
CA LEU A 126 5.67 1.04 2.23
C LEU A 126 6.86 0.92 1.28
N GLY A 127 8.07 0.84 1.87
CA GLY A 127 9.27 0.54 1.19
C GLY A 127 9.56 -0.91 1.38
N ASN A 128 9.25 -1.68 0.35
CA ASN A 128 9.31 -3.14 0.41
C ASN A 128 10.64 -3.65 -0.02
N LYS A 129 10.89 -4.90 0.35
CA LYS A 129 12.10 -5.67 -0.09
C LYS A 129 13.27 -5.32 0.77
N ILE A 130 12.99 -4.99 2.04
CA ILE A 130 14.09 -4.56 3.00
C ILE A 130 15.04 -5.71 3.30
N ASP A 131 14.61 -6.93 3.03
CA ASP A 131 15.50 -8.10 3.16
C ASP A 131 16.58 -8.21 2.08
N ALA A 132 16.53 -7.39 1.04
CA ALA A 132 17.38 -7.53 -0.18
C ALA A 132 18.85 -7.44 0.12
N GLU A 133 19.67 -8.02 -0.74
CA GLU A 133 21.12 -7.83 -0.57
C GLU A 133 21.41 -6.31 -0.44
N GLU A 134 22.22 -5.93 0.57
CA GLU A 134 22.54 -4.51 0.92
C GLU A 134 23.07 -3.65 -0.26
N SER A 135 23.88 -4.26 -1.13
CA SER A 135 24.44 -3.58 -2.30
C SER A 135 23.38 -3.29 -3.37
N LYS A 136 22.24 -4.01 -3.32
CA LYS A 136 21.13 -3.76 -4.23
C LYS A 136 20.21 -2.66 -3.72
N LYS A 137 20.24 -2.41 -2.41
CA LYS A 137 19.38 -1.42 -1.77
C LYS A 137 19.81 -0.01 -2.10
N ILE A 138 19.12 0.63 -3.03
CA ILE A 138 19.58 1.95 -3.56
C ILE A 138 18.73 3.14 -3.18
N VAL A 139 17.58 2.91 -2.52
CA VAL A 139 16.77 3.99 -1.96
C VAL A 139 17.06 4.00 -0.45
N SER A 140 17.57 5.12 0.08
CA SER A 140 17.86 5.21 1.54
C SER A 140 16.64 5.53 2.37
N GLU A 141 16.70 5.16 3.63
CA GLU A 141 15.57 5.40 4.53
C GLU A 141 15.44 6.90 4.69
N LYS A 142 16.57 7.62 4.69
CA LYS A 142 16.56 9.09 4.84
C LYS A 142 15.79 9.78 3.71
N SER A 143 16.06 9.38 2.47
CA SER A 143 15.30 9.86 1.31
C SER A 143 13.82 9.59 1.52
N ALA A 144 13.49 8.35 1.91
CA ALA A 144 12.05 7.94 2.09
C ALA A 144 11.37 8.80 3.16
N GLN A 145 12.04 8.98 4.28
CA GLN A 145 11.50 9.89 5.32
C GLN A 145 11.34 11.32 4.78
N GLU A 146 12.29 11.81 3.98
CA GLU A 146 12.17 13.14 3.39
C GLU A 146 10.94 13.24 2.44
N LEU A 147 10.73 12.22 1.60
CA LEU A 147 9.55 12.22 0.76
C LEU A 147 8.24 12.14 1.55
N ALA A 148 8.20 11.28 2.56
CA ALA A 148 7.01 11.16 3.40
C ALA A 148 6.64 12.46 4.10
N LYS A 149 7.63 13.20 4.58
CA LYS A 149 7.36 14.55 5.14
C LYS A 149 6.77 15.45 4.08
N SER A 150 7.42 15.53 2.93
CA SER A 150 7.09 16.44 1.85
C SER A 150 5.72 16.13 1.20
N LEU A 151 5.23 14.92 1.32
CA LEU A 151 3.84 14.57 0.92
C LEU A 151 2.83 14.67 2.03
N GLY A 152 3.16 15.29 3.15
CA GLY A 152 2.14 15.48 4.20
C GLY A 152 2.38 14.76 5.52
N ASP A 153 3.64 14.43 5.83
CA ASP A 153 3.95 13.65 7.03
C ASP A 153 3.15 12.34 7.06
N ILE A 154 3.16 11.67 5.93
CA ILE A 154 2.55 10.35 5.86
C ILE A 154 3.46 9.22 6.39
N PRO A 155 2.81 8.23 7.03
CA PRO A 155 3.60 7.18 7.68
C PRO A 155 4.36 6.36 6.66
N LEU A 156 5.54 5.97 7.06
CA LEU A 156 6.44 5.17 6.24
C LEU A 156 6.72 3.94 7.00
N PHE A 157 6.57 2.79 6.35
CA PHE A 157 7.11 1.54 6.91
C PHE A 157 8.01 0.88 5.97
N LEU A 158 9.12 0.36 6.50
CA LEU A 158 10.03 -0.41 5.71
C LEU A 158 9.61 -1.89 5.96
N THR A 159 9.37 -2.63 4.88
CA THR A 159 8.77 -3.98 4.95
C THR A 159 9.54 -5.04 4.14
N SER A 160 9.32 -6.29 4.54
CA SER A 160 9.63 -7.44 3.73
C SER A 160 8.41 -8.37 3.77
N ALA A 161 7.74 -8.48 2.63
CA ALA A 161 6.72 -9.52 2.41
C ALA A 161 7.38 -10.89 2.52
N LYS A 162 8.59 -10.97 2.01
CA LYS A 162 9.36 -12.23 2.09
C LYS A 162 9.61 -12.73 3.51
N ASN A 163 10.24 -11.94 4.35
CA ASN A 163 10.62 -12.41 5.67
C ASN A 163 9.69 -11.98 6.78
N ALA A 164 8.51 -11.46 6.43
CA ALA A 164 7.46 -11.02 7.34
C ALA A 164 7.98 -9.95 8.34
N ILE A 165 8.57 -8.88 7.82
CA ILE A 165 9.06 -7.75 8.64
C ILE A 165 8.11 -6.55 8.45
N ASN A 166 7.45 -6.16 9.54
CA ASN A 166 6.72 -4.88 9.60
C ASN A 166 5.43 -4.83 8.79
N VAL A 167 5.04 -5.93 8.17
CA VAL A 167 3.86 -5.97 7.35
C VAL A 167 2.58 -5.82 8.24
N ASP A 168 2.41 -6.63 9.29
CA ASP A 168 1.26 -6.45 10.13
C ASP A 168 1.21 -5.06 10.76
N THR A 169 2.33 -4.59 11.31
CA THR A 169 2.42 -3.22 11.91
C THR A 169 1.98 -2.15 10.94
N ALA A 170 2.47 -2.21 9.71
CA ALA A 170 2.05 -1.28 8.65
C ALA A 170 0.52 -1.34 8.43
N PHE A 171 0.00 -2.56 8.32
CA PHE A 171 -1.39 -2.73 8.06
C PHE A 171 -2.28 -2.36 9.22
N GLU A 172 -1.78 -2.43 10.45
CA GLU A 172 -2.55 -1.89 11.59
C GLU A 172 -2.68 -0.38 11.51
N GLU A 173 -1.69 0.30 10.97
CA GLU A 173 -1.75 1.75 10.84
C GLU A 173 -2.69 2.09 9.62
N ILE A 174 -2.63 1.24 8.59
CA ILE A 174 -3.52 1.37 7.44
C ILE A 174 -4.97 1.24 7.91
N ALA A 175 -5.21 0.19 8.69
CA ALA A 175 -6.49 -0.06 9.31
C ALA A 175 -6.93 1.12 10.19
N ARG A 176 -6.06 1.57 11.08
CA ARG A 176 -6.42 2.67 11.96
C ARG A 176 -6.79 3.86 11.11
N SER A 177 -5.94 4.15 10.14
CA SER A 177 -6.13 5.39 9.47
C SER A 177 -7.32 5.31 8.51
N ALA A 178 -7.58 4.13 7.96
CA ALA A 178 -8.81 3.94 7.18
C ALA A 178 -10.08 4.10 8.05
N LEU A 179 -10.05 3.60 9.30
CA LEU A 179 -11.21 3.75 10.20
C LEU A 179 -11.50 5.23 10.42
N GLN A 180 -10.45 5.98 10.75
CA GLN A 180 -10.53 7.43 10.96
C GLN A 180 -11.28 8.12 9.81
N GLN A 181 -10.86 7.79 8.58
CA GLN A 181 -11.36 8.40 7.36
C GLN A 181 -12.82 8.04 7.12
N ASN A 182 -13.07 6.73 7.07
CA ASN A 182 -14.42 6.14 6.99
C ASN A 182 -15.41 6.79 7.99
N GLN A 183 -14.96 7.16 9.19
CA GLN A 183 -15.83 7.83 10.19
C GLN A 183 -15.81 9.34 10.00
MG MG B . 0.60 -7.94 -8.28
OAB 2UJ C . 15.29 -15.21 -1.96
CBB 2UJ C . 14.68 -15.03 -3.03
CAN 2UJ C . 13.77 -16.07 -3.64
CAA 2UJ C . 12.56 -16.28 -2.66
NAU 2UJ C . 14.82 -13.91 -3.72
CAP 2UJ C . 15.81 -12.88 -3.24
CAO 2UJ C . 15.28 -11.48 -2.84
CAQ 2UJ C . 13.77 -11.55 -2.65
N2 2UJ C . 13.40 -10.33 -1.93
C2 2UJ C . 12.12 -9.94 -1.86
N3 2UJ C . 11.31 -10.17 -2.92
N1 2UJ C . 11.60 -9.30 -0.71
C6 2UJ C . 10.26 -8.98 -0.64
O6 2UJ C . 9.87 -8.40 0.38
C5 2UJ C . 9.49 -9.17 -1.74
C4 2UJ C . 10.01 -9.76 -2.86
N7 2UJ C . 8.18 -8.96 -1.99
C8 2UJ C . 7.93 -9.36 -3.22
N9 2UJ C . 9.04 -9.86 -3.76
C1' 2UJ C . 9.27 -10.50 -5.04
O4' 2UJ C . 9.21 -9.57 -6.09
C2' 2UJ C . 8.16 -11.55 -5.30
O2' 2UJ C . 8.55 -12.78 -4.77
C3' 2UJ C . 8.11 -11.57 -6.83
O3' 2UJ C . 9.15 -12.43 -7.30
C4' 2UJ C . 8.47 -10.12 -7.22
C5' 2UJ C . 7.26 -9.18 -7.45
O5' 2UJ C . 6.26 -9.46 -6.38
PA 2UJ C . 4.76 -9.10 -6.65
O1A 2UJ C . 4.04 -9.08 -5.27
O2A 2UJ C . 4.21 -9.99 -7.65
O3A 2UJ C . 4.74 -7.53 -7.10
PB 2UJ C . 3.50 -6.64 -7.66
O1B 2UJ C . 3.83 -5.26 -7.18
O2B 2UJ C . 2.25 -7.39 -7.14
O3B 2UJ C . 3.60 -6.67 -9.27
PG 2UJ C . 2.36 -6.50 -10.44
O1G 2UJ C . 3.11 -6.84 -11.66
O2G 2UJ C . 1.28 -7.44 -10.09
O3G 2UJ C . 2.04 -5.12 -10.26
Y YT3 D . 0.12 -13.60 9.94
Y YT3 E . -2.28 8.19 -14.98
Y YT3 F . -6.13 23.40 3.23
#